data_1E2S
#
_entry.id   1E2S
#
_cell.length_a   131.800
_cell.length_b   131.800
_cell.length_c   192.100
_cell.angle_alpha   90.00
_cell.angle_beta   90.00
_cell.angle_gamma   90.00
#
_symmetry.space_group_name_H-M   'I 4 2 2'
#
loop_
_entity.id
_entity.type
_entity.pdbx_description
1 polymer 'Arylsulfatase A'
2 branched 2-acetamido-2-deoxy-beta-D-glucopyranose-(1-4)-2-acetamido-2-deoxy-beta-D-glucopyranose
3 non-polymer 'MAGNESIUM ION'
4 non-polymer N,4-DIHYDROXY-N-OXO-3-(SULFOOXY)BENZENAMINIUM
5 water water
#
_entity_poly.entity_id   1
_entity_poly.type   'polypeptide(L)'
_entity_poly.pdbx_seq_one_letter_code
;RPPNIVLIFADDLGYGDLGCYGHPSSTTPNLDQLAAGGLRFTDFYVPVSLATPSRAALLTGRLPVRMGMYPGVLVPSSRG
GLPLEEVTVAEVLAARGYLTGMAGKWHLGVGPEGAFLPPHQGFHRFLGIPYSHDQGPCQNLTCFPPATPCDGGCDQGLVP
IPLLANLSVEAQPPWLPGLEARYMAFAHDLMADAQRQDRPFFLYYASHHTHYPQFSGQSFAERSGRGPFGDSLMELDAAV
GTLMTAIGDLGLLEETLVIFTADNGPETMRMSRGGCSGLLRCGKGTTYEGGVREPALAFWPGHIAPGVTHELASSLDLLP
TLAALAGAPLPNVTLDGFDLSPLLLGTGKSPRQSLFFYPSYPDEVRGVFAVRTGKYKAHFFTQGSAHSDTTADPACHASS
SLTAHEPPLLYDLSKDPGENYNLLGGVAGATPEVLQALKQLQLLKAQLDAAVTFGPSQVARGEDPALQICCHPGCTPRPA
CCHCPDPHA
;
_entity_poly.pdbx_strand_id   P
#
loop_
_chem_comp.id
_chem_comp.type
_chem_comp.name
_chem_comp.formula
CSN non-polymer N,4-DIHYDROXY-N-OXO-3-(SULFOOXY)BENZENAMINIUM 'C6 H5 N O7 S'
MG non-polymer 'MAGNESIUM ION' 'Mg 2'
NAG D-saccharide, beta linking 2-acetamido-2-deoxy-beta-D-glucopyranose 'C8 H15 N O6'
#
# COMPACT_ATOMS: atom_id res chain seq x y z
N ARG A 1 14.37 1.74 -24.37
CA ARG A 1 14.52 3.08 -23.73
C ARG A 1 13.77 3.18 -22.40
N PRO A 2 12.49 2.86 -22.41
CA PRO A 2 11.68 2.90 -21.20
C PRO A 2 12.46 2.18 -20.12
N PRO A 3 12.54 2.76 -18.94
CA PRO A 3 13.26 2.10 -17.86
C PRO A 3 12.48 0.88 -17.40
N ASN A 4 13.23 -0.03 -16.81
CA ASN A 4 12.66 -1.10 -16.00
C ASN A 4 12.17 -0.41 -14.69
N ILE A 5 11.06 -0.94 -14.21
CA ILE A 5 10.39 -0.45 -13.02
C ILE A 5 10.15 -1.53 -11.97
N VAL A 6 10.62 -1.18 -10.77
CA VAL A 6 10.31 -2.06 -9.61
C VAL A 6 9.65 -1.23 -8.50
N LEU A 7 8.40 -1.63 -8.30
CA LEU A 7 7.51 -1.02 -7.31
C LEU A 7 7.42 -1.86 -6.04
N ILE A 8 8.20 -1.55 -4.96
CA ILE A 8 8.03 -2.30 -3.71
C ILE A 8 6.95 -1.66 -2.79
N PHE A 9 5.85 -2.35 -2.47
CA PHE A 9 4.75 -1.82 -1.67
C PHE A 9 4.65 -2.60 -0.34
N ALA A 10 5.00 -1.97 0.77
CA ALA A 10 4.99 -2.69 2.05
C ALA A 10 3.57 -2.60 2.65
N ASP A 11 3.30 -3.35 3.69
CA ASP A 11 1.94 -3.46 4.24
C ASP A 11 1.88 -2.97 5.70
N ASP A 12 0.99 -2.03 6.01
CA ASP A 12 0.87 -1.59 7.43
C ASP A 12 2.17 -1.08 8.00
N LEU A 13 2.86 -0.19 7.28
CA LEU A 13 4.17 0.27 7.71
C LEU A 13 4.08 1.80 7.91
N GLY A 14 4.60 2.29 9.04
CA GLY A 14 4.37 3.68 9.33
C GLY A 14 5.52 4.57 8.88
N TYR A 15 5.16 5.85 8.90
CA TYR A 15 6.10 6.92 8.62
C TYR A 15 7.30 6.89 9.55
N GLY A 16 7.27 6.42 10.79
CA GLY A 16 8.47 6.51 11.59
C GLY A 16 9.18 5.17 11.68
N ASP A 17 8.80 4.18 10.87
CA ASP A 17 9.51 2.87 11.00
C ASP A 17 10.88 2.75 10.36
N LEU A 18 11.20 3.38 9.22
CA LEU A 18 12.53 3.17 8.65
C LEU A 18 13.64 3.84 9.46
N GLY A 19 14.89 3.35 9.36
CA GLY A 19 16.00 3.96 10.13
C GLY A 19 16.19 5.40 9.65
N CYS A 20 15.97 5.51 8.32
CA CYS A 20 16.20 6.81 7.70
C CYS A 20 15.08 7.78 8.00
N TYR A 21 13.99 7.37 8.65
CA TYR A 21 12.86 8.26 8.94
C TYR A 21 12.91 8.50 10.45
N GLY A 22 14.01 8.00 11.06
CA GLY A 22 14.31 8.36 12.44
C GLY A 22 14.13 7.26 13.49
N HIS A 23 13.64 6.07 13.11
CA HIS A 23 13.43 5.10 14.18
C HIS A 23 14.71 4.79 14.94
N PRO A 24 14.68 4.67 16.26
CA PRO A 24 15.88 4.41 17.04
C PRO A 24 16.38 2.98 17.05
N SER A 25 15.56 1.97 16.71
CA SER A 25 16.00 0.62 16.86
C SER A 25 15.75 -0.15 15.57
N SER A 26 14.88 0.30 14.67
CA SER A 26 14.71 -0.59 13.50
C SER A 26 16.08 -0.84 12.80
N THR A 27 16.21 -1.91 12.07
CA THR A 27 17.42 -2.24 11.27
C THR A 27 17.00 -2.28 9.81
N THR A 28 17.26 -1.24 9.00
CA THR A 28 16.84 -1.20 7.60
C THR A 28 17.99 -0.64 6.77
N PRO A 29 19.16 -1.24 6.77
CA PRO A 29 20.32 -0.71 6.01
C PRO A 29 20.16 -0.69 4.51
N ASN A 30 19.43 -1.62 3.86
CA ASN A 30 19.32 -1.48 2.41
C ASN A 30 18.47 -0.30 2.04
N LEU A 31 17.31 -0.18 2.73
CA LEU A 31 16.43 0.99 2.50
C LEU A 31 17.15 2.25 2.89
N ASP A 32 17.94 2.26 3.98
CA ASP A 32 18.64 3.48 4.27
C ASP A 32 19.59 3.83 3.12
N GLN A 33 20.22 2.80 2.52
CA GLN A 33 21.16 3.08 1.44
C GLN A 33 20.38 3.57 0.24
N LEU A 34 19.23 3.01 -0.06
CA LEU A 34 18.53 3.62 -1.20
C LEU A 34 18.15 5.07 -0.99
N ALA A 35 17.84 5.45 0.27
CA ALA A 35 17.45 6.84 0.53
C ALA A 35 18.66 7.70 0.30
N ALA A 36 19.81 7.22 0.86
CA ALA A 36 21.03 8.06 0.76
C ALA A 36 21.42 8.22 -0.72
N GLY A 37 21.07 7.34 -1.68
CA GLY A 37 21.38 7.79 -3.06
C GLY A 37 20.16 8.01 -3.87
N GLY A 38 19.08 8.49 -3.18
CA GLY A 38 17.85 8.62 -3.99
C GLY A 38 17.03 9.81 -3.47
N LEU A 39 15.78 9.91 -3.94
CA LEU A 39 14.91 10.98 -3.46
C LEU A 39 13.99 10.43 -2.33
N ARG A 40 14.09 11.05 -1.16
CA ARG A 40 13.27 10.70 0.00
C ARG A 40 12.14 11.73 0.12
N PHE A 41 10.91 11.25 0.06
CA PHE A 41 9.78 12.16 0.24
C PHE A 41 9.33 12.31 1.72
N THR A 42 9.10 13.55 2.15
CA THR A 42 8.63 13.79 3.51
C THR A 42 7.11 13.93 3.59
N ASP A 43 6.42 14.17 2.47
CA ASP A 43 5.04 14.44 2.32
C ASP A 43 4.43 13.65 1.20
N PHE A 44 4.53 12.31 1.28
CA PHE A 44 3.84 11.49 0.28
C PHE A 44 2.68 10.81 1.01
N TYR A 45 1.57 10.50 0.34
CA TYR A 45 0.34 10.09 0.84
C TYR A 45 -0.44 9.03 0.09
N VAL A 46 -1.28 8.26 0.82
CA VAL A 46 -2.30 7.42 0.19
C VAL A 46 -3.61 8.11 0.52
N PRO A 47 -4.68 7.95 -0.25
CA PRO A 47 -5.90 8.67 0.03
C PRO A 47 -6.79 7.97 1.04
N VAL A 48 -6.66 6.69 1.29
CA VAL A 48 -7.52 5.92 2.20
C VAL A 48 -6.63 4.92 2.95
N SER A 49 -6.79 4.89 4.27
CA SER A 49 -5.86 4.13 5.10
C SER A 49 -6.25 2.74 5.46
N LEU A 50 -6.56 1.90 4.45
CA LEU A 50 -6.88 0.48 4.50
C LEU A 50 -6.33 -0.18 3.20
N ALA A 51 -6.00 -1.45 3.24
CA ALA A 51 -5.33 -2.17 2.13
C ALA A 51 -6.07 -2.18 0.79
N THR A 52 -7.32 -2.62 0.73
CA THR A 52 -8.03 -2.68 -0.51
C THR A 52 -8.19 -1.40 -1.26
N PRO A 53 -8.78 -0.41 -0.63
CA PRO A 53 -8.95 0.92 -1.28
C PRO A 53 -7.60 1.51 -1.65
N SER A 54 -6.56 1.28 -0.83
CA SER A 54 -5.26 1.90 -1.15
C SER A 54 -4.60 1.22 -2.37
N ARG A 55 -4.69 -0.09 -2.40
CA ARG A 55 -4.18 -0.90 -3.50
C ARG A 55 -4.93 -0.57 -4.79
N ALA A 56 -6.23 -0.31 -4.75
CA ALA A 56 -6.97 0.07 -5.93
C ALA A 56 -6.53 1.41 -6.46
N ALA A 57 -6.34 2.40 -5.55
CA ALA A 57 -5.96 3.72 -5.94
C ALA A 57 -4.56 3.67 -6.55
N LEU A 58 -3.64 2.92 -5.90
CA LEU A 58 -2.31 2.88 -6.47
C LEU A 58 -2.35 2.28 -7.91
N LEU A 59 -3.07 1.21 -8.14
CA LEU A 59 -2.98 0.53 -9.47
C LEU A 59 -3.77 1.27 -10.55
N THR A 60 -4.77 2.10 -10.24
CA THR A 60 -5.60 2.73 -11.24
C THR A 60 -5.47 4.23 -11.43
N GLY A 61 -4.82 4.88 -10.47
CA GLY A 61 -4.71 6.29 -10.36
C GLY A 61 -6.06 6.94 -10.09
N ARG A 62 -7.02 6.27 -9.54
CA ARG A 62 -8.33 6.78 -9.24
C ARG A 62 -8.78 6.64 -7.77
N LEU A 63 -9.56 7.64 -7.30
CA LEU A 63 -9.98 7.61 -5.92
C LEU A 63 -10.81 6.33 -5.83
N PRO A 64 -10.64 5.57 -4.77
CA PRO A 64 -11.35 4.28 -4.66
C PRO A 64 -12.84 4.40 -4.58
N VAL A 65 -13.47 5.55 -4.26
CA VAL A 65 -14.94 5.51 -4.26
C VAL A 65 -15.44 5.46 -5.71
N ARG A 66 -14.65 5.88 -6.70
CA ARG A 66 -15.14 5.88 -8.08
C ARG A 66 -15.47 4.46 -8.54
N MET A 67 -14.71 3.43 -8.20
CA MET A 67 -15.00 2.11 -8.69
C MET A 67 -15.53 1.17 -7.61
N GLY A 68 -16.12 1.67 -6.55
CA GLY A 68 -16.76 0.86 -5.54
C GLY A 68 -15.87 0.14 -4.56
N MET A 69 -14.61 0.57 -4.36
CA MET A 69 -13.77 -0.20 -3.42
C MET A 69 -13.93 0.31 -1.98
N TYR A 70 -15.12 0.21 -1.38
CA TYR A 70 -15.48 0.58 -0.04
C TYR A 70 -16.75 -0.20 0.25
N PRO A 71 -17.16 -0.28 1.51
CA PRO A 71 -16.39 0.24 2.63
C PRO A 71 -15.45 -0.86 3.08
N GLY A 72 -14.60 -0.69 4.06
CA GLY A 72 -13.77 -1.72 4.59
C GLY A 72 -12.87 -2.42 3.56
N VAL A 73 -12.48 -3.68 3.75
CA VAL A 73 -11.60 -4.40 2.84
C VAL A 73 -12.35 -5.65 2.32
N LEU A 74 -11.93 -6.26 1.25
CA LEU A 74 -12.53 -7.51 0.78
C LEU A 74 -12.11 -8.67 1.66
N VAL A 75 -12.95 -9.75 1.68
CA VAL A 75 -12.59 -10.95 2.47
C VAL A 75 -12.61 -12.15 1.50
N PRO A 76 -12.05 -13.28 1.84
CA PRO A 76 -11.98 -14.47 0.97
C PRO A 76 -13.31 -14.84 0.33
N SER A 77 -14.46 -14.72 0.97
CA SER A 77 -15.74 -15.05 0.42
C SER A 77 -16.45 -13.99 -0.37
N SER A 78 -15.79 -12.86 -0.57
CA SER A 78 -16.37 -11.74 -1.26
C SER A 78 -16.73 -12.07 -2.72
N ARG A 79 -17.95 -11.69 -3.11
CA ARG A 79 -18.29 -11.81 -4.51
C ARG A 79 -17.65 -10.73 -5.34
N GLY A 80 -17.40 -9.53 -4.76
CA GLY A 80 -16.90 -8.39 -5.53
C GLY A 80 -15.40 -8.31 -5.74
N GLY A 81 -14.95 -7.33 -6.55
CA GLY A 81 -13.48 -7.21 -6.76
C GLY A 81 -13.28 -5.90 -7.54
N LEU A 82 -12.07 -5.40 -7.77
CA LEU A 82 -11.82 -4.28 -8.63
C LEU A 82 -12.37 -4.61 -10.03
N PRO A 83 -13.38 -3.89 -10.54
CA PRO A 83 -13.96 -4.14 -11.84
C PRO A 83 -12.92 -4.37 -12.92
N LEU A 84 -13.21 -5.34 -13.81
CA LEU A 84 -12.32 -5.69 -14.91
C LEU A 84 -12.19 -4.58 -15.93
N GLU A 85 -13.10 -3.63 -16.00
CA GLU A 85 -12.96 -2.48 -16.88
C GLU A 85 -12.06 -1.38 -16.38
N GLU A 86 -11.55 -1.40 -15.14
CA GLU A 86 -10.65 -0.35 -14.69
C GLU A 86 -9.31 -0.71 -15.36
N VAL A 87 -8.54 0.25 -15.83
CA VAL A 87 -7.25 -0.05 -16.43
C VAL A 87 -6.17 0.06 -15.37
N THR A 88 -5.38 -0.97 -15.21
CA THR A 88 -4.38 -0.91 -14.16
C THR A 88 -3.10 -0.40 -14.76
N VAL A 89 -2.11 -0.15 -13.88
CA VAL A 89 -0.86 0.35 -14.44
C VAL A 89 -0.27 -0.83 -15.30
N ALA A 90 -0.53 -2.05 -14.84
CA ALA A 90 0.06 -3.23 -15.44
C ALA A 90 -0.41 -3.31 -16.91
N GLU A 91 -1.68 -3.17 -17.24
CA GLU A 91 -2.18 -3.11 -18.57
C GLU A 91 -1.50 -2.06 -19.43
N VAL A 92 -1.41 -0.84 -18.87
CA VAL A 92 -0.79 0.30 -19.51
C VAL A 92 0.63 0.00 -19.94
N LEU A 93 1.37 -0.75 -19.13
CA LEU A 93 2.77 -0.93 -19.49
C LEU A 93 2.90 -2.16 -20.42
N ALA A 94 1.99 -3.12 -20.28
CA ALA A 94 2.03 -4.37 -21.02
C ALA A 94 1.82 -3.98 -22.49
N ALA A 95 0.81 -3.16 -22.71
CA ALA A 95 0.55 -2.62 -24.02
C ALA A 95 1.68 -1.79 -24.60
N ARG A 96 2.78 -1.53 -23.98
CA ARG A 96 3.87 -0.71 -24.53
C ARG A 96 5.06 -1.64 -24.62
N GLY A 97 4.75 -2.90 -24.37
CA GLY A 97 5.66 -4.00 -24.38
C GLY A 97 6.37 -4.49 -23.17
N TYR A 98 6.03 -4.01 -21.97
CA TYR A 98 6.78 -4.43 -20.76
C TYR A 98 6.46 -5.87 -20.50
N LEU A 99 7.38 -6.68 -19.99
CA LEU A 99 6.98 -7.98 -19.41
C LEU A 99 6.55 -7.63 -17.94
N THR A 100 5.32 -7.88 -17.54
CA THR A 100 4.89 -7.43 -16.22
C THR A 100 4.67 -8.48 -15.19
N GLY A 101 5.20 -8.29 -13.96
CA GLY A 101 4.97 -9.34 -12.96
C GLY A 101 4.56 -8.77 -11.59
N MET A 102 3.88 -9.57 -10.80
CA MET A 102 3.48 -9.33 -9.44
C MET A 102 3.80 -10.49 -8.51
N ALA A 103 4.38 -10.20 -7.39
CA ALA A 103 4.57 -11.16 -6.28
C ALA A 103 3.92 -10.56 -5.02
N GLY A 104 3.28 -11.35 -4.19
CA GLY A 104 2.76 -10.95 -2.92
C GLY A 104 1.29 -10.67 -2.79
N LYS A 105 0.93 -9.64 -1.98
CA LYS A 105 -0.49 -9.51 -1.60
C LYS A 105 -1.34 -8.87 -2.62
N TRP A 106 -2.52 -9.38 -2.98
CA TRP A 106 -3.27 -8.67 -4.02
C TRP A 106 -4.38 -7.87 -3.37
N HIS A 107 -5.34 -8.51 -2.70
CA HIS A 107 -6.43 -7.96 -1.98
C HIS A 107 -7.35 -7.12 -2.86
N LEU A 108 -7.38 -7.41 -4.18
CA LEU A 108 -8.27 -6.71 -5.07
C LEU A 108 -9.35 -7.61 -5.60
N GLY A 109 -9.56 -8.77 -4.94
CA GLY A 109 -10.68 -9.63 -5.32
C GLY A 109 -10.22 -10.99 -5.89
N VAL A 110 -11.11 -11.94 -5.72
CA VAL A 110 -10.85 -13.32 -6.18
C VAL A 110 -11.99 -13.63 -7.16
N GLY A 111 -13.21 -13.79 -6.61
CA GLY A 111 -14.29 -13.93 -7.57
C GLY A 111 -14.50 -15.37 -8.09
N PRO A 112 -15.62 -15.45 -8.79
CA PRO A 112 -16.08 -16.73 -9.40
C PRO A 112 -15.01 -17.18 -10.38
N GLU A 113 -14.35 -18.28 -10.07
CA GLU A 113 -13.23 -18.76 -10.87
C GLU A 113 -12.04 -17.85 -10.98
N GLY A 114 -11.79 -16.96 -9.97
CA GLY A 114 -10.54 -16.20 -10.04
C GLY A 114 -10.65 -15.13 -11.08
N ALA A 115 -11.88 -14.70 -11.39
CA ALA A 115 -12.07 -13.70 -12.44
C ALA A 115 -11.36 -12.40 -12.12
N PHE A 116 -11.21 -12.05 -10.83
CA PHE A 116 -10.54 -10.77 -10.47
C PHE A 116 -9.08 -10.93 -10.17
N LEU A 117 -8.50 -12.13 -10.24
CA LEU A 117 -7.10 -12.33 -9.84
C LEU A 117 -6.21 -11.56 -10.80
N PRO A 118 -4.96 -11.28 -10.44
CA PRO A 118 -4.06 -10.51 -11.23
C PRO A 118 -3.88 -10.83 -12.70
N PRO A 119 -3.76 -12.09 -13.13
CA PRO A 119 -3.64 -12.52 -14.53
C PRO A 119 -4.66 -11.87 -15.42
N HIS A 120 -5.84 -11.56 -14.93
CA HIS A 120 -6.87 -10.82 -15.62
C HIS A 120 -6.72 -9.32 -15.56
N GLN A 121 -5.69 -8.77 -14.91
CA GLN A 121 -5.67 -7.31 -14.73
C GLN A 121 -4.34 -6.82 -15.28
N GLY A 122 -3.75 -7.58 -16.23
CA GLY A 122 -2.54 -7.07 -16.88
C GLY A 122 -1.24 -7.62 -16.44
N PHE A 123 -1.22 -8.53 -15.47
CA PHE A 123 0.10 -9.05 -15.07
C PHE A 123 0.38 -10.33 -15.87
N HIS A 124 1.60 -10.47 -16.38
CA HIS A 124 1.88 -11.66 -17.21
C HIS A 124 2.11 -12.82 -16.27
N ARG A 125 2.78 -12.50 -15.17
CA ARG A 125 3.15 -13.45 -14.14
C ARG A 125 2.64 -12.97 -12.78
N PHE A 126 2.26 -13.93 -11.95
CA PHE A 126 1.78 -13.80 -10.60
C PHE A 126 2.12 -14.93 -9.67
N LEU A 127 2.82 -14.66 -8.59
CA LEU A 127 3.06 -15.57 -7.48
C LEU A 127 2.67 -14.84 -6.16
N GLY A 128 1.59 -15.14 -5.51
CA GLY A 128 1.26 -14.61 -4.21
C GLY A 128 -0.04 -15.09 -3.62
N ILE A 129 -0.46 -14.32 -2.59
CA ILE A 129 -1.69 -14.65 -1.83
C ILE A 129 -2.70 -13.60 -2.21
N PRO A 130 -3.94 -13.99 -2.45
CA PRO A 130 -4.92 -13.12 -3.03
C PRO A 130 -5.53 -12.10 -2.09
N TYR A 131 -5.14 -12.20 -0.81
CA TYR A 131 -5.66 -11.22 0.20
C TYR A 131 -4.70 -11.15 1.37
N SER A 132 -5.00 -10.60 2.59
CA SER A 132 -3.87 -10.53 3.54
C SER A 132 -3.54 -11.89 4.09
N HIS A 133 -2.31 -12.00 4.64
CA HIS A 133 -1.94 -13.36 5.09
C HIS A 133 -2.61 -13.78 6.36
N ASP A 134 -3.34 -12.87 7.00
CA ASP A 134 -4.02 -13.16 8.28
C ASP A 134 -5.46 -13.47 7.96
N GLN A 135 -5.88 -13.44 6.67
CA GLN A 135 -7.27 -13.82 6.47
C GLN A 135 -7.46 -15.33 6.35
N GLY A 136 -7.08 -16.14 7.33
CA GLY A 136 -7.30 -17.53 7.49
C GLY A 136 -6.64 -18.00 8.77
N PRO A 137 -6.85 -19.25 9.19
CA PRO A 137 -6.39 -19.70 10.47
C PRO A 137 -4.90 -19.81 10.57
N CYS A 138 -4.31 -19.41 11.73
CA CYS A 138 -2.83 -19.43 11.71
C CYS A 138 -2.41 -19.93 13.03
N GLN A 139 -3.35 -20.46 13.83
CA GLN A 139 -2.88 -20.96 15.15
C GLN A 139 -1.91 -22.12 14.96
N ASN A 140 -1.92 -22.83 13.84
CA ASN A 140 -0.94 -23.89 13.65
C ASN A 140 0.16 -23.43 12.72
N LEU A 141 0.16 -22.20 12.18
CA LEU A 141 1.27 -21.88 11.27
C LEU A 141 2.48 -21.47 12.07
N THR A 142 3.66 -21.74 11.55
CA THR A 142 4.92 -21.31 12.07
C THR A 142 5.19 -19.88 11.56
N CYS A 143 5.52 -18.93 12.45
CA CYS A 143 5.79 -17.58 11.93
C CYS A 143 7.26 -17.40 11.94
N PHE A 144 7.97 -18.03 12.90
CA PHE A 144 9.43 -17.92 13.02
C PHE A 144 10.02 -19.32 13.29
N PRO A 145 10.97 -19.73 12.46
CA PRO A 145 11.55 -21.05 12.49
C PRO A 145 12.49 -21.18 13.67
N PRO A 146 12.65 -22.42 14.15
CA PRO A 146 12.06 -23.59 13.58
C PRO A 146 10.61 -23.83 13.92
N ALA A 147 10.17 -23.39 15.10
CA ALA A 147 8.74 -23.74 15.32
C ALA A 147 8.00 -22.77 16.22
N THR A 148 8.30 -21.46 16.14
CA THR A 148 7.53 -20.43 16.82
C THR A 148 6.27 -20.18 15.96
N PRO A 149 5.14 -20.55 16.57
CA PRO A 149 3.85 -20.33 15.94
C PRO A 149 3.46 -18.84 15.83
N CYS A 150 2.72 -18.48 14.81
CA CYS A 150 2.08 -17.19 14.68
C CYS A 150 1.23 -16.90 15.93
N ASP A 151 1.12 -15.66 16.33
CA ASP A 151 0.44 -15.23 17.56
C ASP A 151 -0.99 -14.89 17.22
N GLY A 152 -1.91 -15.17 18.12
CA GLY A 152 -3.29 -14.92 18.00
C GLY A 152 -4.19 -15.67 17.05
N GLY A 153 -3.79 -16.67 16.23
CA GLY A 153 -4.83 -17.30 15.45
C GLY A 153 -5.41 -16.75 14.19
N CYS A 154 -5.31 -15.44 13.85
CA CYS A 154 -5.86 -14.89 12.67
C CYS A 154 -7.31 -15.20 12.45
N ASP A 155 -7.82 -15.16 11.20
CA ASP A 155 -9.27 -15.33 11.04
C ASP A 155 -9.68 -16.79 11.07
N GLN A 156 -10.73 -17.14 11.79
CA GLN A 156 -11.19 -18.51 11.92
C GLN A 156 -12.35 -18.79 10.98
N GLY A 157 -12.56 -20.09 10.71
CA GLY A 157 -13.74 -20.53 9.97
C GLY A 157 -13.55 -20.41 8.48
N LEU A 158 -12.31 -20.25 8.04
CA LEU A 158 -12.04 -20.00 6.65
C LEU A 158 -11.06 -21.06 6.17
N VAL A 159 -10.91 -21.13 4.87
CA VAL A 159 -9.84 -21.98 4.28
C VAL A 159 -8.51 -21.44 4.69
N PRO A 160 -7.43 -22.22 4.76
CA PRO A 160 -6.08 -21.72 4.99
C PRO A 160 -5.68 -20.85 3.82
N ILE A 161 -4.74 -19.98 4.03
CA ILE A 161 -4.21 -19.04 3.01
C ILE A 161 -3.58 -19.78 1.85
N PRO A 162 -4.05 -19.51 0.63
CA PRO A 162 -3.47 -20.08 -0.55
C PRO A 162 -2.37 -19.26 -1.18
N LEU A 163 -1.25 -19.87 -1.50
CA LEU A 163 -0.18 -19.36 -2.31
C LEU A 163 -0.51 -19.78 -3.77
N LEU A 164 -0.69 -18.83 -4.67
CA LEU A 164 -1.11 -19.06 -6.02
C LEU A 164 -0.07 -18.73 -7.10
N ALA A 165 0.06 -19.57 -8.13
CA ALA A 165 0.92 -19.32 -9.29
C ALA A 165 -0.10 -19.15 -10.42
N ASN A 166 -0.17 -17.88 -10.84
CA ASN A 166 -1.22 -17.46 -11.75
C ASN A 166 -2.56 -17.86 -11.13
N LEU A 167 -3.29 -18.75 -11.78
CA LEU A 167 -4.58 -19.16 -11.23
C LEU A 167 -4.47 -20.52 -10.55
N SER A 168 -3.28 -21.04 -10.27
CA SER A 168 -3.34 -22.38 -9.64
C SER A 168 -2.83 -22.29 -8.21
N VAL A 169 -3.44 -23.08 -7.35
CA VAL A 169 -2.90 -23.19 -6.02
C VAL A 169 -1.59 -23.96 -5.94
N GLU A 170 -0.50 -23.30 -5.66
CA GLU A 170 0.77 -23.93 -5.38
C GLU A 170 0.93 -24.52 -3.99
N ALA A 171 0.28 -24.05 -2.95
CA ALA A 171 0.49 -24.51 -1.56
C ALA A 171 -0.65 -23.93 -0.74
N GLN A 172 -1.08 -24.66 0.28
CA GLN A 172 -2.22 -24.16 1.06
C GLN A 172 -2.22 -24.90 2.39
N PRO A 173 -1.61 -24.29 3.41
CA PRO A 173 -1.03 -22.97 3.27
C PRO A 173 0.43 -23.07 2.94
N PRO A 174 1.05 -21.98 2.52
CA PRO A 174 2.48 -21.95 2.31
C PRO A 174 3.23 -21.92 3.62
N TRP A 175 4.54 -22.20 3.63
CA TRP A 175 5.38 -22.17 4.80
C TRP A 175 5.86 -20.68 4.91
N LEU A 176 5.40 -19.94 5.92
CA LEU A 176 5.79 -18.49 6.01
C LEU A 176 7.24 -18.17 6.12
N PRO A 177 8.08 -18.92 6.86
CA PRO A 177 9.51 -18.66 6.92
C PRO A 177 10.18 -18.77 5.57
N GLY A 178 9.54 -19.35 4.50
CA GLY A 178 10.20 -19.28 3.22
C GLY A 178 9.47 -18.55 2.13
N LEU A 179 8.31 -17.93 2.41
CA LEU A 179 7.60 -17.27 1.30
C LEU A 179 8.41 -16.24 0.55
N GLU A 180 9.18 -15.46 1.29
CA GLU A 180 9.90 -14.30 0.83
C GLU A 180 10.86 -14.67 -0.28
N ALA A 181 11.71 -15.59 0.09
CA ALA A 181 12.69 -16.21 -0.82
C ALA A 181 11.96 -16.73 -2.05
N ARG A 182 10.81 -17.38 -1.91
CA ARG A 182 10.09 -17.78 -3.15
C ARG A 182 9.93 -16.48 -3.97
N TYR A 183 9.43 -15.42 -3.30
CA TYR A 183 9.18 -14.20 -4.06
C TYR A 183 10.47 -13.62 -4.62
N MET A 184 11.63 -13.68 -4.00
CA MET A 184 12.83 -13.12 -4.63
C MET A 184 13.18 -13.97 -5.86
N ALA A 185 12.93 -15.31 -5.86
CA ALA A 185 13.31 -16.20 -6.93
C ALA A 185 12.48 -15.88 -8.14
N PHE A 186 11.18 -15.72 -7.91
CA PHE A 186 10.29 -15.31 -8.98
C PHE A 186 10.73 -13.99 -9.61
N ALA A 187 11.14 -13.02 -8.81
CA ALA A 187 11.54 -11.70 -9.29
C ALA A 187 12.78 -11.84 -10.17
N HIS A 188 13.79 -12.53 -9.64
CA HIS A 188 15.04 -12.81 -10.34
C HIS A 188 14.81 -13.42 -11.74
N ASP A 189 13.92 -14.39 -11.85
CA ASP A 189 13.52 -14.94 -13.10
C ASP A 189 12.78 -13.95 -13.97
N LEU A 190 11.98 -13.02 -13.42
CA LEU A 190 11.21 -12.12 -14.30
C LEU A 190 12.23 -11.20 -14.98
N MET A 191 13.26 -10.83 -14.21
CA MET A 191 14.20 -9.82 -14.66
C MET A 191 15.01 -10.36 -15.83
N ALA A 192 15.70 -11.45 -15.57
CA ALA A 192 16.47 -12.27 -16.49
C ALA A 192 15.63 -12.59 -17.74
N ASP A 193 14.52 -13.29 -17.68
CA ASP A 193 13.66 -13.47 -18.83
C ASP A 193 13.52 -12.17 -19.62
N ALA A 194 13.17 -11.03 -19.03
CA ALA A 194 13.04 -9.78 -19.75
C ALA A 194 14.36 -9.32 -20.37
N GLN A 195 15.47 -9.49 -19.67
CA GLN A 195 16.76 -9.10 -20.25
C GLN A 195 16.92 -9.94 -21.54
N ARG A 196 16.76 -11.26 -21.39
CA ARG A 196 16.79 -12.24 -22.45
C ARG A 196 16.01 -11.77 -23.67
N GLN A 197 14.75 -11.40 -23.58
CA GLN A 197 13.95 -10.98 -24.72
C GLN A 197 14.14 -9.51 -25.07
N ASP A 198 15.20 -8.89 -24.57
CA ASP A 198 15.37 -7.45 -24.84
C ASP A 198 14.15 -6.61 -24.48
N ARG A 199 13.48 -6.87 -23.34
CA ARG A 199 12.28 -6.06 -23.04
C ARG A 199 12.37 -5.50 -21.63
N PRO A 200 11.72 -4.34 -21.47
CA PRO A 200 11.68 -3.65 -20.17
C PRO A 200 10.77 -4.43 -19.24
N PHE A 201 11.24 -4.64 -17.99
CA PHE A 201 10.27 -5.36 -17.08
C PHE A 201 9.57 -4.39 -16.09
N PHE A 202 8.44 -4.77 -15.54
CA PHE A 202 7.69 -4.08 -14.49
C PHE A 202 7.43 -5.06 -13.33
N LEU A 203 8.15 -4.91 -12.21
CA LEU A 203 7.84 -5.80 -11.07
C LEU A 203 7.09 -5.00 -9.95
N TYR A 204 5.96 -5.50 -9.51
CA TYR A 204 5.10 -5.14 -8.43
C TYR A 204 5.28 -6.15 -7.28
N TYR A 205 6.15 -5.86 -6.35
CA TYR A 205 6.44 -6.65 -5.16
C TYR A 205 5.64 -6.12 -3.94
N ALA A 206 4.43 -6.60 -3.73
CA ALA A 206 3.52 -6.31 -2.64
C ALA A 206 3.86 -7.18 -1.45
N SER A 207 4.87 -6.85 -0.70
CA SER A 207 5.27 -7.67 0.49
C SER A 207 4.22 -7.77 1.57
N HIS A 208 4.28 -8.83 2.38
CA HIS A 208 3.39 -9.18 3.45
C HIS A 208 3.94 -8.45 4.72
N HIS A 209 5.23 -8.12 4.77
CA HIS A 209 5.75 -7.33 5.83
C HIS A 209 5.20 -5.88 5.67
N THR A 210 4.74 -5.21 6.72
CA THR A 210 4.85 -5.72 8.09
C THR A 210 3.46 -5.88 8.72
N HIS A 211 2.63 -6.60 8.02
CA HIS A 211 1.30 -6.95 8.46
C HIS A 211 1.32 -8.07 9.49
N TYR A 212 0.41 -8.05 10.44
CA TYR A 212 0.14 -9.10 11.39
C TYR A 212 -0.32 -10.31 10.60
N PRO A 213 0.08 -11.52 11.03
CA PRO A 213 1.05 -11.74 12.05
C PRO A 213 2.46 -11.68 11.48
N GLN A 214 3.33 -11.16 12.35
CA GLN A 214 4.71 -10.99 11.91
C GLN A 214 5.31 -12.39 11.68
N PHE A 215 6.32 -12.53 10.85
CA PHE A 215 7.00 -13.70 10.42
C PHE A 215 8.28 -13.30 9.67
N SER A 216 9.24 -14.21 9.67
CA SER A 216 10.49 -14.05 8.94
C SER A 216 11.18 -15.44 8.79
N GLY A 217 12.15 -15.44 7.88
CA GLY A 217 12.95 -16.63 7.64
C GLY A 217 13.96 -16.64 8.76
N GLN A 218 14.68 -17.74 8.90
CA GLN A 218 15.67 -17.92 9.97
C GLN A 218 16.83 -16.98 9.97
N SER A 219 17.24 -16.36 8.84
CA SER A 219 18.38 -15.44 9.01
C SER A 219 17.95 -14.19 9.75
N PHE A 220 16.65 -13.89 9.92
CA PHE A 220 16.29 -12.65 10.60
C PHE A 220 15.60 -12.90 11.94
N ALA A 221 15.26 -14.17 12.20
CA ALA A 221 14.48 -14.37 13.42
C ALA A 221 15.37 -13.94 14.56
N GLU A 222 14.92 -12.98 15.39
CA GLU A 222 15.62 -12.51 16.51
C GLU A 222 16.95 -11.82 16.26
N ARG A 223 17.14 -11.25 15.09
CA ARG A 223 18.41 -10.53 14.89
C ARG A 223 18.19 -9.04 14.80
N SER A 224 16.93 -8.64 14.52
CA SER A 224 16.79 -7.15 14.38
C SER A 224 16.83 -6.77 15.86
N GLY A 225 17.21 -5.68 16.39
CA GLY A 225 17.00 -5.69 17.90
C GLY A 225 15.67 -4.97 18.24
N ARG A 226 14.58 -5.21 17.55
CA ARG A 226 13.27 -4.64 17.74
C ARG A 226 12.17 -5.71 17.79
N GLY A 227 12.50 -6.95 18.15
CA GLY A 227 11.58 -8.05 18.34
C GLY A 227 11.00 -8.46 17.00
N PRO A 228 9.85 -9.15 17.03
CA PRO A 228 9.21 -9.68 15.84
C PRO A 228 8.89 -8.66 14.76
N PHE A 229 8.46 -7.46 15.14
CA PHE A 229 8.17 -6.43 14.17
C PHE A 229 9.47 -6.05 13.48
N GLY A 230 10.56 -5.95 14.24
CA GLY A 230 11.82 -5.60 13.57
C GLY A 230 12.27 -6.73 12.65
N ASP A 231 12.15 -7.99 13.10
CA ASP A 231 12.61 -9.13 12.31
C ASP A 231 11.93 -9.16 10.94
N SER A 232 10.61 -8.90 10.98
CA SER A 232 9.82 -8.85 9.76
C SER A 232 10.17 -7.66 8.91
N LEU A 233 10.63 -6.54 9.51
CA LEU A 233 10.94 -5.36 8.72
C LEU A 233 12.32 -5.57 8.06
N MET A 234 13.20 -6.19 8.85
CA MET A 234 14.53 -6.54 8.49
C MET A 234 14.51 -7.55 7.31
N GLU A 235 13.62 -8.53 7.28
CA GLU A 235 13.55 -9.41 6.14
C GLU A 235 13.09 -8.64 4.90
N LEU A 236 12.19 -7.66 5.07
CA LEU A 236 11.62 -6.89 4.01
C LEU A 236 12.82 -6.14 3.38
N ASP A 237 13.60 -5.54 4.22
CA ASP A 237 14.75 -4.72 3.89
C ASP A 237 15.80 -5.59 3.18
N ALA A 238 16.03 -6.82 3.62
CA ALA A 238 16.96 -7.76 3.00
C ALA A 238 16.42 -8.15 1.60
N ALA A 239 15.10 -8.28 1.44
CA ALA A 239 14.53 -8.53 0.15
C ALA A 239 14.86 -7.38 -0.80
N VAL A 240 14.84 -6.13 -0.28
CA VAL A 240 15.10 -4.99 -1.15
C VAL A 240 16.59 -5.04 -1.61
N GLY A 241 17.48 -5.36 -0.66
CA GLY A 241 18.90 -5.56 -0.91
C GLY A 241 19.12 -6.69 -1.98
N THR A 242 18.31 -7.73 -2.05
CA THR A 242 18.34 -8.78 -3.03
C THR A 242 17.89 -8.31 -4.39
N LEU A 243 16.81 -7.54 -4.51
CA LEU A 243 16.42 -7.01 -5.80
C LEU A 243 17.52 -6.11 -6.34
N MET A 244 18.17 -5.29 -5.51
CA MET A 244 19.18 -4.35 -5.93
C MET A 244 20.45 -5.13 -6.38
N THR A 245 20.75 -6.28 -5.81
CA THR A 245 21.86 -7.12 -6.21
C THR A 245 21.61 -7.75 -7.60
N ALA A 246 20.51 -8.46 -7.72
CA ALA A 246 20.02 -8.90 -9.00
C ALA A 246 20.08 -7.74 -10.01
N ILE A 247 19.73 -6.49 -9.66
CA ILE A 247 19.74 -5.45 -10.68
C ILE A 247 21.20 -5.11 -11.03
N GLY A 248 22.06 -5.18 -10.04
CA GLY A 248 23.48 -4.95 -10.22
C GLY A 248 24.03 -6.00 -11.20
N ASP A 249 24.06 -7.25 -10.78
CA ASP A 249 24.45 -8.39 -11.55
C ASP A 249 24.00 -8.39 -13.00
N LEU A 250 22.89 -7.84 -13.45
CA LEU A 250 22.53 -7.83 -14.86
C LEU A 250 22.86 -6.50 -15.49
N GLY A 251 23.66 -5.66 -14.89
CA GLY A 251 23.99 -4.35 -15.46
C GLY A 251 22.77 -3.48 -15.72
N LEU A 252 21.76 -3.53 -14.83
CA LEU A 252 20.53 -2.76 -15.10
C LEU A 252 20.38 -1.60 -14.16
N LEU A 253 21.43 -1.24 -13.41
CA LEU A 253 21.34 -0.19 -12.43
C LEU A 253 20.80 1.09 -13.00
N GLU A 254 21.59 1.73 -13.87
CA GLU A 254 21.16 2.98 -14.49
C GLU A 254 19.95 2.79 -15.37
N GLU A 255 19.34 1.63 -15.59
CA GLU A 255 18.14 1.58 -16.43
C GLU A 255 16.84 1.19 -15.72
N THR A 256 16.97 1.02 -14.39
CA THR A 256 15.84 0.71 -13.53
C THR A 256 15.41 1.76 -12.51
N LEU A 257 14.15 2.21 -12.65
CA LEU A 257 13.52 3.07 -11.64
C LEU A 257 13.02 2.19 -10.47
N VAL A 258 13.51 2.43 -9.27
CA VAL A 258 13.01 1.64 -8.10
C VAL A 258 12.23 2.54 -7.13
N ILE A 259 10.97 2.23 -6.92
CA ILE A 259 10.13 2.92 -5.98
C ILE A 259 9.75 2.11 -4.73
N PHE A 260 9.79 2.73 -3.57
CA PHE A 260 9.39 2.06 -2.31
C PHE A 260 8.35 2.92 -1.57
N THR A 261 7.16 2.44 -1.26
CA THR A 261 6.24 3.07 -0.37
C THR A 261 5.48 1.92 0.42
N ALA A 262 4.31 2.22 1.00
CA ALA A 262 3.53 1.28 1.82
C ALA A 262 2.08 1.60 1.69
N ASP A 263 1.14 0.66 1.90
CA ASP A 263 -0.25 1.04 1.60
C ASP A 263 -0.95 1.96 2.59
N ASN A 264 -0.64 1.86 3.88
CA ASN A 264 -1.35 2.61 4.92
C ASN A 264 -0.50 2.57 6.19
N GLY A 265 -0.92 3.50 7.11
CA GLY A 265 -0.14 3.67 8.34
C GLY A 265 -0.17 2.42 9.24
N PRO A 266 0.54 2.50 10.37
CA PRO A 266 0.69 1.43 11.29
C PRO A 266 -0.51 0.91 12.07
N GLU A 267 -0.54 -0.39 12.35
CA GLU A 267 -1.66 -0.92 13.17
C GLU A 267 -1.22 -0.94 14.59
N THR A 268 -1.48 0.12 15.39
CA THR A 268 -0.93 0.25 16.72
C THR A 268 -1.64 -0.61 17.75
N MET A 269 -2.78 -1.10 17.34
CA MET A 269 -3.54 -2.10 18.11
C MET A 269 -2.69 -3.38 18.22
N ARG A 270 -1.67 -3.68 17.40
CA ARG A 270 -0.75 -4.79 17.65
C ARG A 270 0.36 -4.41 18.60
N MET A 271 0.27 -3.14 19.13
CA MET A 271 1.20 -2.70 20.13
C MET A 271 2.64 -2.79 19.71
N SER A 272 3.49 -3.43 20.50
CA SER A 272 4.92 -3.47 20.18
C SER A 272 5.18 -4.44 19.04
N ARG A 273 4.12 -5.11 18.52
CA ARG A 273 4.30 -5.92 17.32
C ARG A 273 3.67 -5.20 16.13
N GLY A 274 3.44 -3.88 16.28
CA GLY A 274 2.98 -3.11 15.10
C GLY A 274 3.87 -1.91 14.85
N GLY A 275 3.66 -1.11 13.80
CA GLY A 275 4.64 -0.09 13.47
C GLY A 275 4.40 1.25 14.19
N CYS A 276 5.06 2.29 13.67
CA CYS A 276 5.20 3.54 14.45
C CYS A 276 5.03 4.69 13.48
N SER A 277 4.19 5.66 13.81
CA SER A 277 3.89 6.75 12.89
C SER A 277 4.84 7.87 13.22
N GLY A 278 5.83 7.70 14.08
CA GLY A 278 6.83 8.73 14.41
C GLY A 278 6.14 9.94 15.04
N LEU A 279 6.39 11.18 14.62
CA LEU A 279 5.76 12.35 15.21
C LEU A 279 4.31 12.51 14.76
N LEU A 280 3.87 11.74 13.80
CA LEU A 280 2.54 11.99 13.28
C LEU A 280 1.49 11.36 14.19
N ARG A 281 0.24 11.77 14.05
CA ARG A 281 -0.83 11.33 14.91
C ARG A 281 -1.67 10.16 14.43
N CYS A 282 -1.91 9.22 15.34
CA CYS A 282 -2.74 8.03 15.06
C CYS A 282 -2.09 7.16 13.99
N GLY A 283 -2.87 6.34 13.30
CA GLY A 283 -2.38 5.40 12.37
C GLY A 283 -3.46 4.87 11.43
N LYS A 284 -3.20 3.61 11.12
CA LYS A 284 -4.11 2.85 10.22
C LYS A 284 -5.56 3.05 10.60
N GLY A 285 -6.34 3.19 9.57
CA GLY A 285 -7.76 3.27 9.69
C GLY A 285 -8.25 4.69 9.90
N THR A 286 -7.38 5.67 10.14
CA THR A 286 -7.86 7.05 10.29
C THR A 286 -7.35 7.94 9.16
N THR A 287 -7.89 9.16 9.06
CA THR A 287 -7.47 10.22 8.19
C THR A 287 -6.54 11.26 8.81
N TYR A 288 -5.99 10.98 10.01
CA TYR A 288 -4.91 11.73 10.61
C TYR A 288 -3.64 11.47 9.79
N GLU A 289 -2.60 12.27 9.92
CA GLU A 289 -1.40 12.07 9.09
C GLU A 289 -0.79 10.70 9.30
N GLY A 290 -0.84 10.12 10.52
CA GLY A 290 -0.27 8.80 10.81
C GLY A 290 -0.90 7.68 10.05
N GLY A 291 -2.14 7.84 9.60
CA GLY A 291 -2.72 6.75 8.77
C GLY A 291 -2.42 6.92 7.29
N VAL A 292 -2.26 8.13 6.77
CA VAL A 292 -2.23 8.29 5.31
C VAL A 292 -0.89 8.80 4.77
N ARG A 293 0.03 9.20 5.63
CA ARG A 293 1.27 9.75 5.19
C ARG A 293 2.32 8.63 5.29
N GLU A 294 2.86 8.20 4.16
CA GLU A 294 3.75 7.00 4.25
C GLU A 294 5.18 7.32 3.89
N PRO A 295 6.09 6.45 4.19
CA PRO A 295 7.48 6.59 3.76
C PRO A 295 7.54 6.43 2.24
N ALA A 296 8.38 7.16 1.52
CA ALA A 296 8.44 6.94 0.06
C ALA A 296 9.81 7.32 -0.48
N LEU A 297 10.36 6.44 -1.30
CA LEU A 297 11.74 6.56 -1.83
C LEU A 297 11.70 6.25 -3.33
N ALA A 298 12.50 6.98 -4.07
CA ALA A 298 12.58 6.77 -5.54
C ALA A 298 14.08 6.74 -5.91
N PHE A 299 14.46 5.64 -6.58
CA PHE A 299 15.93 5.54 -6.86
C PHE A 299 16.16 5.03 -8.30
N TRP A 300 16.98 5.86 -8.97
CA TRP A 300 17.31 5.61 -10.42
C TRP A 300 18.64 6.27 -10.71
N PRO A 301 19.74 5.65 -10.36
CA PRO A 301 21.03 6.33 -10.48
C PRO A 301 21.29 6.84 -11.88
N GLY A 302 21.84 8.04 -11.90
CA GLY A 302 22.13 8.80 -13.09
C GLY A 302 20.88 9.52 -13.54
N HIS A 303 19.66 9.23 -13.09
CA HIS A 303 18.51 10.06 -13.41
C HIS A 303 17.94 10.90 -12.26
N ILE A 304 17.82 10.34 -11.05
CA ILE A 304 17.21 11.04 -9.92
C ILE A 304 18.37 11.39 -9.03
N ALA A 305 18.61 12.66 -8.79
CA ALA A 305 19.78 12.90 -7.93
C ALA A 305 19.35 12.74 -6.47
N PRO A 306 20.26 12.35 -5.61
CA PRO A 306 20.02 12.22 -4.22
C PRO A 306 19.45 13.49 -3.60
N GLY A 307 18.47 13.36 -2.72
CA GLY A 307 17.97 14.50 -1.95
C GLY A 307 16.71 14.15 -1.15
N VAL A 308 16.13 15.23 -0.65
CA VAL A 308 14.92 15.19 0.13
C VAL A 308 13.87 16.08 -0.48
N THR A 309 12.66 15.74 -0.87
CA THR A 309 11.73 16.77 -1.29
C THR A 309 10.60 16.75 -0.20
N HIS A 310 9.95 17.88 -0.13
CA HIS A 310 8.84 18.28 0.67
C HIS A 310 7.65 18.52 -0.26
N GLU A 311 7.85 18.29 -1.55
CA GLU A 311 6.60 18.50 -2.37
C GLU A 311 5.55 17.46 -2.20
N LEU A 312 4.32 17.86 -2.54
CA LEU A 312 3.19 16.96 -2.45
C LEU A 312 3.23 15.90 -3.52
N ALA A 313 2.96 14.68 -3.10
CA ALA A 313 2.88 13.53 -3.96
C ALA A 313 1.91 12.51 -3.34
N SER A 314 1.25 11.77 -4.21
CA SER A 314 0.37 10.71 -3.83
C SER A 314 0.56 9.39 -4.59
N SER A 315 0.11 8.24 -4.09
CA SER A 315 0.15 6.92 -4.72
C SER A 315 -0.67 7.02 -5.98
N LEU A 316 -1.68 7.91 -5.95
CA LEU A 316 -2.55 8.25 -7.05
C LEU A 316 -1.76 8.82 -8.24
N ASP A 317 -0.56 9.36 -7.99
CA ASP A 317 0.17 9.95 -9.08
C ASP A 317 0.99 8.83 -9.76
N LEU A 318 1.09 7.61 -9.27
CA LEU A 318 1.94 6.61 -9.83
C LEU A 318 1.61 6.17 -11.28
N LEU A 319 0.39 5.83 -11.62
CA LEU A 319 0.06 5.45 -12.99
C LEU A 319 0.53 6.50 -14.02
N PRO A 320 0.00 7.72 -13.92
CA PRO A 320 0.35 8.80 -14.86
C PRO A 320 1.81 9.11 -14.86
N THR A 321 2.58 9.02 -13.80
CA THR A 321 4.02 9.29 -13.86
C THR A 321 4.73 8.17 -14.60
N LEU A 322 4.29 6.91 -14.41
CA LEU A 322 5.06 5.81 -14.98
C LEU A 322 4.72 5.75 -16.48
N ALA A 323 3.48 5.93 -16.88
CA ALA A 323 3.05 6.08 -18.25
C ALA A 323 3.98 7.08 -18.98
N ALA A 324 4.09 8.29 -18.46
CA ALA A 324 4.92 9.32 -19.06
C ALA A 324 6.35 8.78 -19.24
N LEU A 325 6.91 8.19 -18.21
CA LEU A 325 8.27 7.69 -18.23
C LEU A 325 8.46 6.57 -19.28
N ALA A 326 7.42 5.80 -19.58
CA ALA A 326 7.45 4.73 -20.53
C ALA A 326 6.98 5.19 -21.92
N GLY A 327 6.58 6.45 -22.06
CA GLY A 327 6.00 6.84 -23.34
C GLY A 327 4.80 5.95 -23.62
N ALA A 328 4.00 5.63 -22.61
CA ALA A 328 2.78 4.86 -22.72
C ALA A 328 1.69 5.91 -22.62
N PRO A 329 0.56 5.62 -23.20
CA PRO A 329 -0.55 6.55 -23.26
C PRO A 329 -1.53 6.33 -22.12
N LEU A 330 -2.16 7.41 -21.68
CA LEU A 330 -3.09 7.30 -20.57
C LEU A 330 -4.41 6.71 -20.99
N PRO A 331 -5.00 5.89 -20.13
CA PRO A 331 -6.35 5.41 -20.38
C PRO A 331 -7.21 6.63 -20.64
N ASN A 332 -8.39 6.43 -21.19
CA ASN A 332 -9.31 7.52 -21.49
C ASN A 332 -10.35 7.53 -20.37
N VAL A 333 -9.87 7.87 -19.17
CA VAL A 333 -10.76 7.93 -18.01
C VAL A 333 -10.35 9.11 -17.13
N THR A 334 -11.30 9.47 -16.28
CA THR A 334 -10.94 10.57 -15.35
C THR A 334 -10.02 9.96 -14.29
N LEU A 335 -8.84 10.54 -14.19
CA LEU A 335 -7.75 10.18 -13.34
C LEU A 335 -7.65 11.21 -12.21
N ASP A 336 -7.22 10.82 -11.00
CA ASP A 336 -7.15 11.80 -9.92
C ASP A 336 -5.70 12.07 -9.59
N GLY A 337 -4.74 11.61 -10.41
CA GLY A 337 -3.31 11.90 -10.11
C GLY A 337 -2.70 12.62 -11.30
N PHE A 338 -1.43 12.96 -11.23
CA PHE A 338 -0.68 13.74 -12.16
C PHE A 338 0.66 13.06 -12.42
N ASP A 339 1.32 13.57 -13.44
CA ASP A 339 2.67 13.08 -13.75
C ASP A 339 3.70 13.77 -12.91
N LEU A 340 4.48 13.07 -12.08
CA LEU A 340 5.50 13.72 -11.27
C LEU A 340 6.88 13.49 -11.84
N SER A 341 7.03 13.15 -13.11
CA SER A 341 8.38 13.01 -13.72
C SER A 341 9.29 14.21 -13.67
N PRO A 342 8.81 15.43 -13.86
CA PRO A 342 9.63 16.61 -13.66
C PRO A 342 10.22 16.72 -12.28
N LEU A 343 9.40 16.34 -11.24
CA LEU A 343 9.97 16.39 -9.86
C LEU A 343 11.03 15.32 -9.75
N LEU A 344 10.80 14.15 -10.31
CA LEU A 344 11.79 13.06 -10.19
C LEU A 344 13.08 13.39 -10.93
N LEU A 345 12.93 13.97 -12.12
CA LEU A 345 14.06 14.29 -12.98
C LEU A 345 14.68 15.60 -12.59
N GLY A 346 14.04 16.44 -11.76
CA GLY A 346 14.71 17.61 -11.24
C GLY A 346 14.64 18.81 -12.18
N THR A 347 13.64 18.74 -13.04
CA THR A 347 13.40 19.78 -13.99
C THR A 347 12.14 20.53 -13.66
N GLY A 348 11.28 20.04 -12.77
CA GLY A 348 10.07 20.81 -12.44
C GLY A 348 9.69 20.65 -10.99
N LYS A 349 8.56 21.25 -10.61
CA LYS A 349 8.04 21.19 -9.24
C LYS A 349 6.91 20.14 -9.28
N SER A 350 6.38 19.71 -8.13
CA SER A 350 5.22 18.81 -8.35
C SER A 350 4.08 19.67 -8.83
N PRO A 351 3.27 19.19 -9.74
CA PRO A 351 2.06 19.89 -10.14
C PRO A 351 0.94 19.69 -9.09
N ARG A 352 1.15 18.78 -8.12
CA ARG A 352 0.10 18.55 -7.13
C ARG A 352 0.03 19.63 -6.06
N GLN A 353 -1.12 20.28 -5.88
CA GLN A 353 -1.28 21.25 -4.82
C GLN A 353 -2.21 20.81 -3.67
N SER A 354 -3.13 19.88 -3.87
CA SER A 354 -4.15 19.39 -3.00
C SER A 354 -4.27 17.90 -2.86
N LEU A 355 -4.70 17.44 -1.67
CA LEU A 355 -4.91 15.99 -1.42
C LEU A 355 -6.27 15.82 -0.76
N PHE A 356 -6.98 14.78 -1.08
CA PHE A 356 -8.34 14.54 -0.55
C PHE A 356 -8.40 13.21 0.20
N PHE A 357 -8.88 13.12 1.44
CA PHE A 357 -8.84 11.89 2.20
C PHE A 357 -10.21 11.38 2.54
N TYR A 358 -10.47 10.13 2.23
CA TYR A 358 -11.79 9.54 2.54
C TYR A 358 -11.53 8.57 3.69
N PRO A 359 -12.57 8.36 4.49
CA PRO A 359 -12.49 7.41 5.59
C PRO A 359 -12.69 5.99 5.05
N SER A 360 -12.53 4.97 5.87
CA SER A 360 -12.70 3.58 5.56
C SER A 360 -14.18 3.34 5.20
N TYR A 361 -15.11 4.00 5.84
CA TYR A 361 -16.54 3.81 5.61
C TYR A 361 -17.08 5.10 5.04
N PRO A 362 -16.88 5.44 3.80
CA PRO A 362 -17.31 6.76 3.30
C PRO A 362 -18.79 6.80 2.98
N ASP A 363 -19.38 7.97 2.71
CA ASP A 363 -20.81 7.94 2.31
C ASP A 363 -20.95 9.21 1.54
N GLU A 364 -21.92 9.32 0.73
CA GLU A 364 -22.13 10.46 -0.16
C GLU A 364 -22.77 11.59 0.60
N VAL A 365 -23.34 11.43 1.79
CA VAL A 365 -23.83 12.63 2.44
C VAL A 365 -22.64 13.40 3.03
N ARG A 366 -21.68 12.73 3.67
CA ARG A 366 -20.59 13.43 4.33
C ARG A 366 -19.45 13.76 3.38
N GLY A 367 -19.23 12.95 2.35
CA GLY A 367 -18.15 13.26 1.41
C GLY A 367 -16.76 13.14 1.99
N VAL A 368 -15.80 13.90 1.46
CA VAL A 368 -14.40 13.79 1.90
C VAL A 368 -14.25 14.25 3.33
N PHE A 369 -13.45 13.59 4.09
CA PHE A 369 -13.28 13.88 5.50
C PHE A 369 -12.28 15.00 5.68
N ALA A 370 -11.18 14.99 4.94
CA ALA A 370 -10.15 16.00 5.18
C ALA A 370 -9.54 16.39 3.83
N VAL A 371 -9.00 17.58 3.72
CA VAL A 371 -8.36 18.03 2.52
C VAL A 371 -7.02 18.71 2.84
N ARG A 372 -5.93 18.47 2.08
CA ARG A 372 -4.76 19.30 2.32
C ARG A 372 -4.53 20.23 1.08
N THR A 373 -4.17 21.49 1.31
CA THR A 373 -3.78 22.38 0.20
C THR A 373 -2.58 23.20 0.66
N GLY A 374 -1.47 23.09 -0.11
CA GLY A 374 -0.30 23.84 0.41
C GLY A 374 0.10 23.14 1.72
N LYS A 375 0.31 23.95 2.72
CA LYS A 375 0.69 23.50 4.04
C LYS A 375 -0.52 23.33 4.98
N TYR A 376 -1.73 23.61 4.54
CA TYR A 376 -2.88 23.59 5.39
C TYR A 376 -3.70 22.31 5.17
N LYS A 377 -4.09 21.75 6.29
CA LYS A 377 -4.98 20.60 6.20
C LYS A 377 -6.22 20.91 7.05
N ALA A 378 -7.38 20.66 6.49
CA ALA A 378 -8.61 20.84 7.27
C ALA A 378 -9.32 19.50 7.51
N HIS A 379 -9.86 19.25 8.68
CA HIS A 379 -10.63 18.02 8.89
C HIS A 379 -12.08 18.46 9.00
N PHE A 380 -12.97 17.98 8.19
CA PHE A 380 -14.40 18.36 8.30
C PHE A 380 -15.16 17.39 9.19
N PHE A 381 -14.65 16.17 9.37
CA PHE A 381 -15.14 15.08 10.16
C PHE A 381 -13.89 14.43 10.77
N THR A 382 -13.93 13.85 11.92
CA THR A 382 -12.82 13.15 12.60
C THR A 382 -13.40 11.87 13.20
N GLN A 383 -12.55 10.86 13.35
CA GLN A 383 -12.95 9.56 13.91
C GLN A 383 -11.78 8.67 14.29
N GLY A 384 -11.82 7.90 15.37
CA GLY A 384 -10.67 7.06 15.73
C GLY A 384 -10.90 5.71 15.08
N SER A 385 -10.10 4.66 15.33
CA SER A 385 -10.34 3.38 14.69
C SER A 385 -9.73 2.37 15.65
N ALA A 386 -10.27 1.21 15.69
CA ALA A 386 -9.80 0.05 16.46
C ALA A 386 -8.43 -0.32 15.85
N HIS A 387 -8.13 -0.04 14.50
CA HIS A 387 -6.76 -0.28 14.13
C HIS A 387 -5.76 0.62 14.82
N SER A 388 -6.18 1.83 15.24
CA SER A 388 -5.20 2.70 15.88
C SER A 388 -5.42 2.72 17.40
N ASP A 389 -6.12 1.83 18.07
CA ASP A 389 -6.26 1.87 19.52
C ASP A 389 -4.92 1.58 20.25
N THR A 390 -4.92 1.70 21.58
CA THR A 390 -3.91 1.33 22.52
C THR A 390 -2.86 2.42 22.74
N THR A 391 -2.88 3.53 22.04
CA THR A 391 -1.89 4.56 22.42
C THR A 391 -2.55 5.58 23.32
N ALA A 392 -1.75 6.54 23.72
CA ALA A 392 -2.20 7.50 24.75
C ALA A 392 -3.06 8.63 24.18
N ASP A 393 -3.13 8.80 22.89
CA ASP A 393 -3.91 9.82 22.25
C ASP A 393 -5.30 9.26 22.19
N PRO A 394 -6.24 9.94 22.87
CA PRO A 394 -7.61 9.50 22.87
C PRO A 394 -8.23 9.72 21.51
N ALA A 395 -7.78 10.69 20.68
CA ALA A 395 -8.49 10.82 19.42
C ALA A 395 -8.25 9.61 18.51
N CYS A 396 -7.22 8.75 18.72
CA CYS A 396 -7.05 7.62 17.83
C CYS A 396 -7.93 6.43 18.18
N HIS A 397 -8.57 6.36 19.36
CA HIS A 397 -9.30 5.13 19.72
C HIS A 397 -10.61 4.93 19.02
N ALA A 398 -11.09 3.71 19.02
CA ALA A 398 -12.35 3.28 18.44
C ALA A 398 -13.50 4.03 19.11
N SER A 399 -13.33 4.32 20.37
CA SER A 399 -14.31 5.10 21.09
C SER A 399 -14.29 6.56 20.75
N SER A 400 -13.41 7.13 19.93
CA SER A 400 -13.62 8.53 19.53
C SER A 400 -14.53 8.40 18.32
N SER A 401 -15.78 8.55 18.49
CA SER A 401 -16.71 8.42 17.39
C SER A 401 -16.73 9.58 16.41
N LEU A 402 -17.37 9.32 15.28
CA LEU A 402 -17.57 10.20 14.19
C LEU A 402 -18.03 11.56 14.67
N THR A 403 -17.31 12.64 14.44
CA THR A 403 -17.64 13.97 14.83
C THR A 403 -17.41 14.92 13.68
N ALA A 404 -18.37 15.77 13.44
CA ALA A 404 -18.42 16.82 12.46
C ALA A 404 -17.76 18.04 13.05
N HIS A 405 -16.97 18.72 12.22
CA HIS A 405 -16.37 19.96 12.61
C HIS A 405 -16.76 21.05 11.60
N GLU A 406 -17.40 22.05 12.12
CA GLU A 406 -17.73 23.22 11.31
C GLU A 406 -17.64 24.50 12.08
N PRO A 407 -16.69 25.37 11.90
CA PRO A 407 -15.61 25.35 10.96
C PRO A 407 -14.72 24.13 11.20
N PRO A 408 -14.06 23.69 10.14
CA PRO A 408 -13.24 22.47 10.28
C PRO A 408 -12.09 22.77 11.23
N LEU A 409 -11.49 21.75 11.73
CA LEU A 409 -10.20 21.80 12.45
C LEU A 409 -9.16 22.02 11.34
N LEU A 410 -8.26 22.94 11.60
CA LEU A 410 -7.34 23.50 10.64
C LEU A 410 -5.91 23.54 11.19
N TYR A 411 -5.03 22.79 10.45
CA TYR A 411 -3.66 22.72 10.91
C TYR A 411 -2.68 23.21 9.80
N ASP A 412 -1.58 23.73 10.30
CA ASP A 412 -0.46 24.12 9.49
C ASP A 412 0.52 22.98 9.64
N LEU A 413 0.58 22.12 8.62
CA LEU A 413 1.43 20.94 8.70
C LEU A 413 2.92 21.27 8.57
N SER A 414 3.37 22.47 8.16
CA SER A 414 4.79 22.79 8.08
C SER A 414 5.23 23.15 9.47
N LYS A 415 4.40 23.73 10.36
CA LYS A 415 4.93 23.92 11.72
C LYS A 415 4.43 22.92 12.77
N ASP A 416 3.28 22.30 12.46
CA ASP A 416 2.52 21.41 13.32
C ASP A 416 2.12 20.13 12.61
N PRO A 417 3.11 19.36 12.08
CA PRO A 417 2.86 18.10 11.41
C PRO A 417 2.17 17.14 12.39
N GLY A 418 2.34 17.18 13.68
CA GLY A 418 1.66 16.35 14.69
C GLY A 418 0.14 16.65 14.74
N GLU A 419 -0.42 17.69 14.14
CA GLU A 419 -1.84 18.00 14.12
C GLU A 419 -2.34 18.26 15.52
N ASN A 420 -1.62 19.04 16.32
CA ASN A 420 -2.07 19.31 17.69
C ASN A 420 -2.77 20.66 17.83
N TYR A 421 -2.50 21.71 17.04
CA TYR A 421 -2.94 23.07 17.42
C TYR A 421 -3.93 23.59 16.40
N ASN A 422 -5.24 23.43 16.69
CA ASN A 422 -6.21 23.93 15.71
C ASN A 422 -6.03 25.42 15.50
N LEU A 423 -5.84 25.92 14.30
CA LEU A 423 -5.65 27.34 14.10
C LEU A 423 -6.98 28.10 14.13
N LEU A 424 -8.13 27.50 14.14
CA LEU A 424 -9.38 28.27 14.29
C LEU A 424 -9.88 28.09 15.72
N GLY A 425 -9.07 27.74 16.69
CA GLY A 425 -9.54 27.30 18.01
C GLY A 425 -9.88 28.52 18.88
N ALA A 430 -8.82 33.63 11.70
CA ALA A 430 -8.59 34.97 12.23
C ALA A 430 -7.76 35.74 11.23
N THR A 431 -6.50 35.37 11.08
CA THR A 431 -5.56 35.96 10.14
C THR A 431 -6.00 35.79 8.71
N PRO A 432 -5.57 36.71 7.86
CA PRO A 432 -5.86 36.68 6.44
C PRO A 432 -5.27 35.50 5.70
N GLU A 433 -4.10 34.98 6.05
CA GLU A 433 -3.58 33.83 5.29
C GLU A 433 -4.47 32.61 5.65
N VAL A 434 -4.80 32.50 6.93
CA VAL A 434 -5.65 31.46 7.45
C VAL A 434 -7.05 31.46 6.88
N LEU A 435 -7.66 32.63 6.91
CA LEU A 435 -9.01 32.79 6.35
C LEU A 435 -9.10 32.47 4.89
N GLN A 436 -8.06 32.81 4.10
CA GLN A 436 -8.01 32.49 2.68
C GLN A 436 -7.76 31.01 2.51
N ALA A 437 -6.97 30.37 3.37
CA ALA A 437 -6.77 28.92 3.29
C ALA A 437 -8.09 28.25 3.62
N LEU A 438 -8.86 28.83 4.57
CA LEU A 438 -10.14 28.21 4.92
C LEU A 438 -11.09 28.20 3.75
N LYS A 439 -11.24 29.31 3.08
CA LYS A 439 -12.17 29.45 1.97
C LYS A 439 -11.75 28.57 0.81
N GLN A 440 -10.45 28.43 0.52
CA GLN A 440 -10.02 27.50 -0.49
C GLN A 440 -10.43 26.06 -0.05
N LEU A 441 -10.06 25.63 1.16
CA LEU A 441 -10.36 24.27 1.58
C LEU A 441 -11.82 23.94 1.52
N GLN A 442 -12.73 24.85 1.89
CA GLN A 442 -14.13 24.52 1.85
C GLN A 442 -14.64 24.41 0.43
N LEU A 443 -14.14 25.33 -0.42
CA LEU A 443 -14.52 25.27 -1.84
C LEU A 443 -13.94 24.02 -2.48
N LEU A 444 -12.70 23.54 -2.15
CA LEU A 444 -12.23 22.29 -2.74
C LEU A 444 -13.06 21.10 -2.30
N LYS A 445 -13.46 21.08 -1.00
CA LYS A 445 -14.28 19.94 -0.55
C LYS A 445 -15.62 19.97 -1.28
N ALA A 446 -16.24 21.14 -1.38
CA ALA A 446 -17.59 21.11 -2.00
C ALA A 446 -17.51 20.83 -3.50
N GLN A 447 -16.45 21.22 -4.17
CA GLN A 447 -16.27 20.89 -5.61
C GLN A 447 -16.06 19.40 -5.82
N LEU A 448 -15.15 18.81 -5.04
CA LEU A 448 -15.01 17.36 -5.16
C LEU A 448 -16.26 16.59 -4.77
N ASP A 449 -16.94 16.98 -3.65
CA ASP A 449 -18.15 16.19 -3.31
C ASP A 449 -19.19 16.28 -4.44
N ALA A 450 -19.37 17.45 -5.06
CA ALA A 450 -20.38 17.67 -6.11
C ALA A 450 -20.03 16.97 -7.41
N ALA A 451 -18.79 16.72 -7.76
CA ALA A 451 -18.35 16.13 -8.98
C ALA A 451 -18.04 14.64 -9.00
N VAL A 452 -17.68 14.05 -7.87
CA VAL A 452 -17.46 12.62 -7.80
C VAL A 452 -18.78 11.89 -7.56
N THR A 453 -19.17 10.89 -8.31
CA THR A 453 -20.32 10.05 -7.92
C THR A 453 -19.71 8.71 -7.46
N PHE A 454 -20.25 8.17 -6.39
CA PHE A 454 -19.68 6.93 -5.85
C PHE A 454 -20.07 5.81 -6.79
N GLY A 455 -19.16 4.95 -7.21
CA GLY A 455 -19.48 3.73 -7.95
C GLY A 455 -20.14 2.76 -6.94
N PRO A 456 -20.97 1.85 -7.39
CA PRO A 456 -21.75 0.95 -6.55
C PRO A 456 -20.79 0.04 -5.80
N SER A 457 -21.01 -0.15 -4.53
CA SER A 457 -20.07 -0.86 -3.69
C SER A 457 -19.80 -2.29 -4.11
N GLN A 458 -18.56 -2.72 -4.26
CA GLN A 458 -18.18 -4.08 -4.57
C GLN A 458 -18.25 -4.93 -3.31
N VAL A 459 -17.89 -4.28 -2.19
CA VAL A 459 -17.89 -4.97 -0.92
C VAL A 459 -19.28 -5.36 -0.49
N ALA A 460 -20.28 -4.57 -0.78
CA ALA A 460 -21.63 -4.92 -0.36
C ALA A 460 -22.31 -5.88 -1.32
N ARG A 461 -21.65 -6.39 -2.37
CA ARG A 461 -22.29 -7.37 -3.22
C ARG A 461 -22.35 -8.70 -2.45
N GLY A 462 -21.76 -8.81 -1.28
CA GLY A 462 -21.86 -9.91 -0.40
C GLY A 462 -20.76 -10.94 -0.49
N GLU A 463 -20.99 -11.95 0.36
CA GLU A 463 -20.12 -13.08 0.51
C GLU A 463 -20.83 -14.38 0.13
N ASP A 464 -20.00 -15.30 -0.33
CA ASP A 464 -20.40 -16.65 -0.69
C ASP A 464 -19.22 -17.54 -0.32
N PRO A 465 -19.39 -18.42 0.67
CA PRO A 465 -18.35 -19.32 1.11
C PRO A 465 -17.84 -20.23 0.01
N ALA A 466 -18.66 -20.44 -1.04
CA ALA A 466 -18.24 -21.28 -2.15
C ALA A 466 -17.13 -20.63 -2.97
N LEU A 467 -16.85 -19.35 -2.75
CA LEU A 467 -15.83 -18.64 -3.53
C LEU A 467 -14.48 -18.84 -2.91
N GLN A 468 -14.42 -19.45 -1.71
CA GLN A 468 -13.06 -19.72 -1.18
C GLN A 468 -12.24 -20.64 -2.04
N ILE A 469 -11.02 -20.38 -2.37
CA ILE A 469 -10.08 -21.22 -3.03
C ILE A 469 -9.87 -22.49 -2.20
N CYS A 470 -9.99 -23.65 -2.88
CA CYS A 470 -9.78 -24.94 -2.22
C CYS A 470 -8.81 -25.83 -3.00
N CYS A 471 -7.62 -26.10 -2.57
CA CYS A 471 -6.57 -26.92 -3.06
C CYS A 471 -7.00 -28.32 -3.60
N HIS A 472 -8.00 -28.98 -3.04
CA HIS A 472 -8.68 -30.19 -3.22
C HIS A 472 -10.15 -29.85 -3.47
N PRO A 473 -10.41 -29.44 -4.68
CA PRO A 473 -11.75 -29.04 -5.08
C PRO A 473 -12.74 -30.12 -4.79
N GLY A 474 -13.95 -29.79 -4.40
CA GLY A 474 -15.02 -30.70 -4.03
C GLY A 474 -14.73 -31.44 -2.73
N CYS A 475 -13.54 -31.43 -2.12
CA CYS A 475 -13.30 -32.22 -0.91
C CYS A 475 -14.39 -32.06 0.13
N THR A 476 -14.29 -32.88 1.20
CA THR A 476 -15.16 -32.60 2.36
C THR A 476 -14.45 -33.03 3.62
N PRO A 477 -14.72 -32.52 4.79
CA PRO A 477 -15.45 -31.32 5.14
C PRO A 477 -14.73 -29.99 4.83
N ARG A 478 -15.48 -29.01 4.33
CA ARG A 478 -15.05 -27.66 4.03
C ARG A 478 -15.05 -26.85 5.31
N PRO A 479 -14.03 -26.10 5.67
CA PRO A 479 -12.92 -25.69 4.88
C PRO A 479 -11.65 -26.43 5.21
N ALA A 480 -11.63 -27.14 6.32
CA ALA A 480 -10.41 -27.85 6.74
C ALA A 480 -9.89 -28.92 5.80
N CYS A 481 -10.67 -29.50 4.89
CA CYS A 481 -10.16 -30.41 3.88
C CYS A 481 -9.37 -29.58 2.86
N CYS A 482 -9.66 -28.27 2.74
CA CYS A 482 -8.89 -27.54 1.71
C CYS A 482 -7.47 -27.37 2.19
N HIS A 483 -6.51 -28.21 1.83
CA HIS A 483 -5.14 -28.01 2.25
C HIS A 483 -4.11 -28.92 1.65
N CYS A 484 -3.07 -28.28 1.15
CA CYS A 484 -2.05 -28.99 0.45
C CYS A 484 -0.80 -28.19 0.64
N PRO A 485 -0.10 -28.55 1.74
CA PRO A 485 1.16 -27.92 2.10
C PRO A 485 2.33 -28.33 1.22
C1 NAG B . 2.07 -18.63 -15.07
C2 NAG B . 3.40 -18.65 -14.38
C3 NAG B . 4.54 -18.40 -15.39
C4 NAG B . 4.06 -18.29 -16.81
C5 NAG B . 2.94 -17.21 -16.80
C6 NAG B . 2.62 -16.87 -18.23
C7 NAG B . 4.63 -17.55 -12.51
C8 NAG B . 6.02 -17.06 -12.73
N2 NAG B . 3.58 -17.54 -13.37
O3 NAG B . 5.62 -19.29 -15.30
O4 NAG B . 4.80 -17.80 -17.85
O5 NAG B . 1.83 -17.70 -16.13
O6 NAG B . 2.10 -17.91 -18.93
O7 NAG B . 4.32 -18.09 -11.54
C1 NAG B . 6.22 -17.73 -17.94
C2 NAG B . 6.57 -17.32 -19.39
C3 NAG B . 6.89 -18.43 -20.35
C4 NAG B . 7.86 -19.45 -19.75
C5 NAG B . 8.01 -19.39 -18.21
C6 NAG B . 9.12 -18.47 -17.69
C7 NAG B . 5.65 -15.12 -20.01
C8 NAG B . 4.63 -14.33 -20.75
N2 NAG B . 5.49 -16.49 -19.99
O3 NAG B . 7.52 -17.74 -21.46
O4 NAG B . 7.29 -20.77 -20.05
O5 NAG B . 6.81 -18.99 -17.61
O6 NAG B . 9.09 -18.35 -16.29
O7 NAG B . 6.53 -14.60 -19.48
MG MG C . -2.33 -2.57 4.79
S1 CSN D . -5.42 -4.85 5.78
O4 CSN D . -5.35 -5.41 7.30
O3 CSN D . -4.03 -4.45 5.63
O2 CSN D . -5.84 -6.00 5.00
O1 CSN D . -6.27 -3.63 5.68
O7 CSN D . -7.74 -5.08 6.21
O7 CSN D . -5.80 -8.29 7.73
O6 CSN D . -7.87 -6.29 12.54
O6 CSN D . -11.06 -5.11 8.47
O5 CSN D . -5.81 -6.30 11.85
O5 CSN D . -9.62 -3.53 8.00
C6 CSN D . -6.26 -5.80 9.45
C6 CSN D . -7.62 -5.09 7.77
N1 CSN D . -7.04 -6.17 11.65
N1 CSN D . -9.93 -4.71 8.20
C3 CSN D . -8.78 -5.45 8.36
C3 CSN D . -7.99 -7.89 8.14
C1 CSN D . -6.44 -5.51 8.13
C1 CSN D . -6.58 -5.98 7.65
C4 CSN D . -8.63 -5.74 9.71
C4 CSN D . -9.05 -7.00 8.26
C2 CSN D . -7.70 -5.32 7.48
C2 CSN D . -6.71 -7.39 7.82
C5 CSN D . -7.37 -5.91 10.27
C5 CSN D . -8.85 -5.65 8.09
#